data_8YGT
#
_entry.id   8YGT
#
_cell.length_a   1.00
_cell.length_b   1.00
_cell.length_c   1.00
_cell.angle_alpha   90.00
_cell.angle_beta   90.00
_cell.angle_gamma   90.00
#
_symmetry.space_group_name_H-M   'P 1'
#
loop_
_entity.id
_entity.type
_entity.pdbx_description
1 polymer 'Outer capsid protein VP4'
2 polymer 'Antibody 7H13-I54G mutant heavy chain'
3 polymer 'Antibody 7H13-I54G mutant light chain'
#
loop_
_entity_poly.entity_id
_entity_poly.type
_entity_poly.pdbx_seq_one_letter_code
_entity_poly.pdbx_strand_id
1 'polypeptide(L)'
;GYKMASLIYRQLLTNSYTVDLSDEIQEIGSTKSQNVTINPGPFAQTGYAPVNWGPGEINDSTTVEPLLDGPYQPTTFNPP
VDYWMLLAPTTPGVIVEGTNNTDRWLATILIEPNVQSENRTYTIFGIQEQLTVSNTSQDQWKFIDVAKTTANGSIEQYGP
LLSSPKLYAVMKHNKKLYTYEGQTPNARTGHYSTTNYDSVNMTAFCDFYIIPRSEESKCTEYINNGLPPIQNTRNVVPLS
LTARDVIHYRAQANEDIVISKTSLWKEMQYNRDITIRFKFANTIIKSGGLGYKWSEISFKPANYQYTYTRDGEEVTAHTT
CSVNGVNDFSFNGGSLPTDFVVSKFEVIKENSYVYIDYWDDSQAFRNVVYVRSLAANLNSVMCTGGSYNFSLPVGQWPVL
TGGAVSLHSAGVTLSTQFTDFVSLNSLRFRFRLAVEEPHFKLTRTRLSRLYGLPAANPNNGKEYYEIAGRFSLISLVPSN
HDYQTPIANSVTVRQDLERQLGELREEFNALSQEIAMSQLIDLALLPLDMFSMFSGIKSTIDAAKSMATNVMKKFKKSGL
ANSVSTLTDSLSDAASSISRG
;
A,B
2 'polypeptide(L)'
;QVQLKESGPGLVAPSQSLSITCTVSGFSLSRYSVHWVRQPPGKGLEWLGMIWNIGSTDYNSALKSRLSISKDNSQSQVFL
KLNSLQTDDAAIYYCARNSGFDLFDFWGQGTTLTVS
;
H
3 'polypeptide(L)'
;DIVMTQSHKFMSTSVGDRVSITCKASQDVTSAVAWYQQKPGQSPKLLISSASYRYTGVPDRFSGSGSGTDFTFTISSVQA
EDLAVYYCQQHYSTPPTFGAGTKLELK
;
L
#
# COMPACT_ATOMS: atom_id res chain seq x y z
N SER A 415 -17.45 20.34 -7.98
CA SER A 415 -16.69 19.11 -7.74
C SER A 415 -15.61 18.86 -8.80
N THR A 416 -14.36 18.74 -8.37
CA THR A 416 -13.23 18.49 -9.25
C THR A 416 -12.52 17.19 -8.88
N GLN A 417 -11.97 16.53 -9.89
CA GLN A 417 -11.42 15.19 -9.76
C GLN A 417 -9.95 15.21 -10.12
N PHE A 418 -9.10 14.84 -9.17
CA PHE A 418 -7.65 14.95 -9.34
C PHE A 418 -7.06 13.59 -9.71
N THR A 419 -7.13 13.28 -11.00
CA THR A 419 -6.42 12.13 -11.52
C THR A 419 -5.02 12.55 -11.97
N ASP A 420 -4.32 11.64 -12.64
CA ASP A 420 -2.93 11.86 -12.99
C ASP A 420 -2.79 12.78 -14.20
N PHE A 421 -3.70 12.65 -15.17
CA PHE A 421 -3.51 13.30 -16.47
C PHE A 421 -3.86 14.78 -16.40
N VAL A 422 -5.12 15.09 -16.15
CA VAL A 422 -5.58 16.48 -16.15
C VAL A 422 -6.82 16.53 -15.26
N SER A 423 -7.03 17.67 -14.61
CA SER A 423 -8.17 17.83 -13.72
C SER A 423 -9.46 17.86 -14.52
N LEU A 424 -10.48 17.18 -14.00
CA LEU A 424 -11.79 17.11 -14.64
C LEU A 424 -12.82 17.54 -13.61
N ASN A 425 -13.38 18.73 -13.78
CA ASN A 425 -14.37 19.24 -12.86
C ASN A 425 -15.76 19.27 -13.49
N SER A 426 -16.75 19.48 -12.62
CA SER A 426 -18.15 19.39 -13.00
C SER A 426 -19.04 20.24 -12.08
N TRP B 265 -2.05 36.66 -2.61
CA TRP B 265 -2.27 35.23 -2.76
C TRP B 265 -1.00 34.55 -3.25
N LYS B 266 -0.77 33.31 -2.85
CA LYS B 266 0.51 32.65 -3.02
C LYS B 266 0.30 31.14 -2.98
N GLU B 267 1.15 30.40 -3.69
CA GLU B 267 1.04 28.95 -3.79
C GLU B 267 2.06 28.27 -2.88
N MET B 268 1.63 27.19 -2.22
CA MET B 268 2.41 26.48 -1.21
C MET B 268 2.37 24.99 -1.50
N GLN B 269 3.09 24.22 -0.68
CA GLN B 269 3.19 22.77 -0.83
C GLN B 269 3.16 22.11 0.53
N TYR B 270 2.37 21.05 0.67
CA TYR B 270 2.12 20.37 1.93
C TYR B 270 2.32 18.87 1.73
N ASN B 271 3.34 18.29 2.35
CA ASN B 271 3.65 16.87 2.25
C ASN B 271 3.51 16.24 3.63
N ARG B 272 2.40 15.53 3.87
CA ARG B 272 2.15 14.99 5.19
C ARG B 272 1.86 13.49 5.10
N ASP B 273 1.94 12.82 6.24
CA ASP B 273 1.51 11.43 6.37
C ASP B 273 0.01 11.34 6.55
N ILE B 274 -0.53 10.13 6.42
CA ILE B 274 -1.96 9.89 6.58
C ILE B 274 -2.17 8.43 6.95
N THR B 275 -3.09 8.18 7.90
CA THR B 275 -3.62 6.85 8.17
C THR B 275 -5.13 6.96 8.17
N ILE B 276 -5.80 6.08 7.44
CA ILE B 276 -7.26 6.08 7.38
C ILE B 276 -7.78 4.74 7.90
N ARG B 277 -8.84 4.80 8.70
CA ARG B 277 -9.43 3.64 9.34
C ARG B 277 -10.92 3.64 9.05
N PHE B 278 -11.48 2.47 8.71
CA PHE B 278 -12.85 2.42 8.26
C PHE B 278 -13.49 1.08 8.62
N LYS B 279 -14.80 0.98 8.36
CA LYS B 279 -15.60 -0.22 8.57
C LYS B 279 -16.62 -0.36 7.46
N PHE B 280 -17.40 -1.45 7.52
CA PHE B 280 -18.59 -1.61 6.71
C PHE B 280 -19.83 -1.66 7.59
N ALA B 281 -20.99 -1.76 6.95
CA ALA B 281 -22.26 -1.96 7.63
C ALA B 281 -23.21 -2.64 6.65
N ASN B 282 -24.34 -3.12 7.17
CA ASN B 282 -25.30 -3.81 6.34
C ASN B 282 -26.71 -3.67 6.89
N THR B 283 -27.66 -4.25 6.17
CA THR B 283 -29.03 -4.39 6.64
C THR B 283 -29.63 -5.69 6.13
N ILE B 284 -30.29 -6.42 7.01
CA ILE B 284 -30.89 -7.72 6.70
C ILE B 284 -32.37 -7.64 7.02
N ILE B 285 -33.21 -7.88 6.00
CA ILE B 285 -34.65 -7.76 6.12
C ILE B 285 -35.30 -9.03 5.58
N LYS B 286 -36.17 -9.63 6.41
CA LYS B 286 -36.94 -10.79 6.01
C LYS B 286 -38.25 -10.38 5.34
N SER B 287 -38.89 -11.36 4.71
CA SER B 287 -40.24 -11.16 4.20
C SER B 287 -41.25 -11.73 5.18
N GLY B 288 -42.47 -11.21 5.11
CA GLY B 288 -43.55 -11.78 5.89
C GLY B 288 -44.02 -13.10 5.31
N GLY B 289 -44.43 -14.00 6.19
CA GLY B 289 -44.86 -15.32 5.79
C GLY B 289 -44.65 -16.31 6.91
N LEU B 290 -44.22 -17.51 6.53
CA LEU B 290 -43.98 -18.56 7.53
C LEU B 290 -42.59 -18.46 8.14
N GLY B 291 -41.68 -17.71 7.52
CA GLY B 291 -40.40 -17.48 8.13
C GLY B 291 -39.24 -18.09 7.39
N TYR B 292 -39.49 -18.60 6.19
CA TYR B 292 -38.50 -19.31 5.41
C TYR B 292 -37.88 -18.47 4.31
N LYS B 293 -38.34 -17.24 4.10
CA LYS B 293 -37.89 -16.44 2.98
C LYS B 293 -37.26 -15.14 3.45
N TRP B 294 -36.37 -14.63 2.62
CA TRP B 294 -35.52 -13.49 2.92
C TRP B 294 -35.56 -12.56 1.72
N SER B 295 -35.63 -11.25 1.98
CA SER B 295 -35.83 -10.31 0.88
C SER B 295 -34.59 -9.50 0.53
N GLU B 296 -33.70 -9.23 1.47
CA GLU B 296 -32.64 -8.28 1.21
C GLU B 296 -31.47 -8.51 2.15
N ILE B 297 -30.26 -8.57 1.57
CA ILE B 297 -29.01 -8.43 2.29
C ILE B 297 -28.17 -7.45 1.49
N SER B 298 -27.96 -6.25 2.02
CA SER B 298 -27.34 -5.19 1.25
C SER B 298 -26.39 -4.39 2.13
N PHE B 299 -25.51 -3.62 1.50
CA PHE B 299 -24.59 -2.75 2.22
C PHE B 299 -25.31 -1.51 2.73
N LYS B 300 -24.59 -0.72 3.53
CA LYS B 300 -25.11 0.46 4.19
C LYS B 300 -23.92 1.29 4.62
N PRO B 301 -23.98 2.62 4.56
CA PRO B 301 -22.83 3.44 4.95
C PRO B 301 -22.53 3.37 6.45
N ALA B 302 -21.24 3.39 6.77
CA ALA B 302 -20.77 3.36 8.15
C ALA B 302 -19.73 4.45 8.35
N ASN B 303 -19.58 4.90 9.60
CA ASN B 303 -18.64 5.96 9.93
C ASN B 303 -17.94 5.64 11.24
N TYR B 304 -16.76 6.24 11.41
CA TYR B 304 -15.84 5.86 12.49
C TYR B 304 -15.03 7.07 12.91
N GLN B 305 -14.62 7.10 14.17
CA GLN B 305 -13.89 8.21 14.76
C GLN B 305 -12.68 7.68 15.54
N TYR B 306 -11.54 8.34 15.40
CA TYR B 306 -10.29 7.84 15.96
C TYR B 306 -9.32 9.00 16.13
N THR B 307 -8.22 8.73 16.85
CA THR B 307 -7.10 9.65 16.98
C THR B 307 -5.80 8.90 16.69
N TYR B 308 -4.90 9.53 15.95
CA TYR B 308 -3.58 8.96 15.74
C TYR B 308 -2.55 10.06 15.87
N THR B 309 -1.28 9.71 15.70
CA THR B 309 -0.18 10.61 16.02
C THR B 309 0.78 10.72 14.85
N ARG B 310 0.95 11.95 14.35
CA ARG B 310 1.99 12.26 13.37
C ARG B 310 3.32 12.50 14.07
N ASP B 311 4.23 13.12 13.32
CA ASP B 311 5.57 13.39 13.83
C ASP B 311 5.56 14.35 15.01
N GLY B 312 4.73 15.38 14.94
CA GLY B 312 4.71 16.35 16.02
C GLY B 312 3.63 16.15 17.07
N GLU B 313 2.38 16.04 16.64
CA GLU B 313 1.26 16.17 17.56
C GLU B 313 0.14 15.26 17.08
N GLU B 314 -0.68 14.79 18.02
CA GLU B 314 -1.79 13.92 17.70
C GLU B 314 -2.89 14.66 16.94
N VAL B 315 -3.61 13.91 16.10
CA VAL B 315 -4.69 14.44 15.29
C VAL B 315 -5.90 13.53 15.42
N THR B 316 -7.08 14.13 15.50
CA THR B 316 -8.34 13.38 15.53
C THR B 316 -9.06 13.51 14.21
N ALA B 317 -9.58 12.39 13.70
CA ALA B 317 -10.07 12.32 12.33
C ALA B 317 -11.36 11.52 12.28
N HIS B 318 -12.03 11.61 11.13
CA HIS B 318 -13.31 10.96 10.89
C HIS B 318 -13.28 10.34 9.50
N THR B 319 -14.01 9.25 9.32
CA THR B 319 -14.19 8.65 8.00
C THR B 319 -15.66 8.30 7.80
N THR B 320 -16.01 7.98 6.55
CA THR B 320 -17.31 7.45 6.18
C THR B 320 -17.13 6.59 4.93
N CYS B 321 -17.52 5.32 5.03
CA CYS B 321 -17.28 4.35 3.96
C CYS B 321 -18.57 4.04 3.22
N SER B 322 -18.49 3.98 1.90
CA SER B 322 -19.63 3.68 1.04
C SER B 322 -19.15 2.79 -0.08
N VAL B 323 -20.01 2.56 -1.08
CA VAL B 323 -19.74 1.56 -2.11
C VAL B 323 -20.58 1.91 -3.33
N ASN B 324 -20.17 1.42 -4.51
CA ASN B 324 -20.85 1.68 -5.76
C ASN B 324 -20.54 0.55 -6.73
N GLY B 325 -21.42 0.37 -7.71
CA GLY B 325 -21.20 -0.64 -8.75
C GLY B 325 -21.54 -2.05 -8.31
N VAL B 326 -22.67 -2.22 -7.64
CA VAL B 326 -22.90 -3.45 -6.88
C VAL B 326 -23.57 -4.51 -7.75
N ASN B 327 -23.00 -5.71 -7.70
CA ASN B 327 -23.57 -6.91 -8.29
C ASN B 327 -24.52 -7.54 -7.30
N ASP B 328 -25.69 -7.97 -7.75
CA ASP B 328 -26.67 -8.57 -6.86
C ASP B 328 -27.15 -9.92 -7.37
N PHE B 329 -27.08 -10.91 -6.48
CA PHE B 329 -27.38 -12.30 -6.81
C PHE B 329 -28.69 -12.68 -6.14
N SER B 330 -29.12 -13.92 -6.37
CA SER B 330 -30.34 -14.42 -5.76
C SER B 330 -30.31 -15.94 -5.77
N PHE B 331 -31.17 -16.54 -4.94
CA PHE B 331 -31.38 -17.97 -4.89
C PHE B 331 -32.87 -18.25 -4.84
N ASN B 332 -33.32 -19.26 -5.57
CA ASN B 332 -34.74 -19.62 -5.65
C ASN B 332 -34.83 -21.14 -5.50
N GLY B 333 -35.13 -21.59 -4.29
CA GLY B 333 -35.28 -23.01 -4.05
C GLY B 333 -36.70 -23.49 -4.18
N GLY B 334 -37.30 -23.32 -5.34
CA GLY B 334 -38.66 -23.76 -5.57
C GLY B 334 -39.67 -22.69 -5.23
N SER B 335 -40.94 -23.11 -5.20
CA SER B 335 -42.05 -22.24 -4.83
C SER B 335 -43.07 -23.06 -4.04
N LEU B 336 -42.90 -23.07 -2.72
CA LEU B 336 -43.80 -23.68 -1.76
C LEU B 336 -43.90 -22.70 -0.60
N PRO B 337 -44.88 -22.86 0.29
CA PRO B 337 -44.90 -21.98 1.47
C PRO B 337 -43.77 -22.25 2.47
N THR B 338 -43.05 -23.36 2.34
CA THR B 338 -42.04 -23.76 3.31
C THR B 338 -40.67 -24.00 2.70
N ASP B 339 -40.16 -23.10 1.87
CA ASP B 339 -38.85 -23.33 1.28
C ASP B 339 -37.94 -22.11 1.39
N PHE B 340 -36.66 -22.34 1.17
CA PHE B 340 -35.63 -21.34 1.37
C PHE B 340 -35.32 -20.60 0.07
N VAL B 341 -35.64 -19.32 0.03
CA VAL B 341 -35.20 -18.44 -1.06
C VAL B 341 -34.51 -17.23 -0.46
N VAL B 342 -33.71 -16.56 -1.29
CA VAL B 342 -33.15 -15.25 -1.01
C VAL B 342 -33.46 -14.40 -2.23
N SER B 343 -34.22 -13.32 -2.03
CA SER B 343 -34.64 -12.51 -3.18
C SER B 343 -33.49 -11.70 -3.74
N LYS B 344 -32.62 -11.17 -2.88
CA LYS B 344 -31.46 -10.40 -3.30
C LYS B 344 -30.43 -10.43 -2.19
N PHE B 345 -29.18 -10.69 -2.54
CA PHE B 345 -28.05 -10.40 -1.66
C PHE B 345 -26.95 -9.80 -2.51
N GLU B 346 -26.21 -8.85 -1.95
CA GLU B 346 -25.24 -8.07 -2.70
C GLU B 346 -23.82 -8.59 -2.51
N VAL B 347 -22.97 -8.29 -3.48
CA VAL B 347 -21.59 -8.75 -3.50
C VAL B 347 -20.78 -7.73 -4.28
N ILE B 348 -19.52 -7.55 -3.88
CA ILE B 348 -18.61 -6.59 -4.49
C ILE B 348 -17.52 -7.34 -5.21
N LYS B 349 -17.20 -6.92 -6.42
CA LYS B 349 -16.39 -7.72 -7.30
C LYS B 349 -15.53 -6.75 -8.13
N GLU B 350 -15.03 -7.22 -9.28
CA GLU B 350 -14.07 -6.44 -10.05
C GLU B 350 -14.65 -5.15 -10.60
N ASN B 351 -15.94 -5.17 -10.97
CA ASN B 351 -16.57 -4.02 -11.60
C ASN B 351 -17.20 -3.07 -10.59
N SER B 352 -16.47 -2.68 -9.55
CA SER B 352 -17.08 -1.98 -8.44
C SER B 352 -16.04 -1.06 -7.79
N TYR B 353 -16.51 -0.20 -6.90
CA TYR B 353 -15.66 0.79 -6.25
C TYR B 353 -15.98 0.88 -4.78
N VAL B 354 -14.99 1.34 -4.01
CA VAL B 354 -15.13 1.59 -2.58
C VAL B 354 -14.80 3.05 -2.36
N TYR B 355 -15.71 3.79 -1.72
CA TYR B 355 -15.52 5.22 -1.51
C TYR B 355 -15.32 5.50 -0.03
N ILE B 356 -14.29 6.29 0.27
CA ILE B 356 -13.97 6.63 1.66
C ILE B 356 -13.80 8.14 1.77
N ASP B 357 -14.61 8.76 2.62
CA ASP B 357 -14.48 10.17 2.97
C ASP B 357 -13.50 10.30 4.12
N TYR B 358 -12.91 11.49 4.28
CA TYR B 358 -11.89 11.73 5.29
C TYR B 358 -11.80 13.22 5.54
N TRP B 359 -11.90 13.63 6.81
CA TRP B 359 -11.60 15.01 7.19
C TRP B 359 -10.97 15.02 8.58
N ASP B 360 -10.05 15.97 8.77
CA ASP B 360 -9.09 15.92 9.87
C ASP B 360 -9.13 17.24 10.64
N ASP B 361 -8.53 17.21 11.82
CA ASP B 361 -8.44 18.35 12.72
C ASP B 361 -7.19 19.20 12.47
N SER B 362 -6.32 18.75 11.58
CA SER B 362 -4.96 19.28 11.51
C SER B 362 -4.91 20.66 10.87
N GLN B 363 -3.73 21.26 10.93
CA GLN B 363 -3.49 22.58 10.34
C GLN B 363 -3.43 22.50 8.82
N ALA B 364 -3.16 21.32 8.28
CA ALA B 364 -3.00 21.17 6.83
C ALA B 364 -4.34 21.16 6.12
N PHE B 365 -5.42 20.67 6.77
CA PHE B 365 -6.71 20.67 6.11
C PHE B 365 -7.45 21.98 6.18
N ARG B 366 -6.82 23.07 6.66
CA ARG B 366 -7.46 24.37 6.55
C ARG B 366 -7.26 24.93 5.15
N ASN B 367 -6.17 24.57 4.50
CA ASN B 367 -5.83 25.05 3.16
C ASN B 367 -6.21 24.05 2.07
N VAL B 368 -7.44 23.53 2.07
CA VAL B 368 -7.86 22.58 1.04
C VAL B 368 -9.09 23.22 0.37
N VAL B 369 -9.05 24.53 0.21
CA VAL B 369 -10.16 25.26 -0.37
C VAL B 369 -9.95 25.48 -1.87
N TYR B 370 -8.88 26.16 -2.27
CA TYR B 370 -8.60 26.44 -3.67
C TYR B 370 -7.42 25.57 -4.11
N VAL B 371 -7.69 24.34 -4.51
CA VAL B 371 -6.65 23.33 -4.72
C VAL B 371 -6.21 23.39 -6.17
N ARG B 372 -4.90 23.42 -6.39
CA ARG B 372 -4.36 23.33 -7.73
C ARG B 372 -4.18 21.88 -8.16
N SER B 373 -3.53 21.06 -7.34
CA SER B 373 -3.30 19.67 -7.66
C SER B 373 -3.19 18.87 -6.37
N LEU B 374 -3.44 17.56 -6.45
CA LEU B 374 -3.43 16.70 -5.29
C LEU B 374 -3.15 15.27 -5.72
N ALA B 375 -2.24 14.62 -5.02
CA ALA B 375 -1.84 13.25 -5.34
C ALA B 375 -1.70 12.47 -4.04
N ALA B 376 -1.86 11.16 -4.14
CA ALA B 376 -1.82 10.30 -2.97
C ALA B 376 -1.15 8.98 -3.33
N ASN B 377 -0.48 8.40 -2.35
CA ASN B 377 0.50 7.34 -2.58
C ASN B 377 0.34 6.21 -1.57
N LEU B 378 -0.88 5.71 -1.41
CA LEU B 378 -1.23 4.77 -0.35
C LEU B 378 -0.80 3.35 -0.71
N ASN B 379 -0.91 2.44 0.27
CA ASN B 379 -0.68 1.03 0.00
C ASN B 379 -1.96 0.21 0.25
N SER B 380 -1.95 -1.04 -0.19
CA SER B 380 -3.16 -1.85 -0.32
C SER B 380 -3.54 -2.53 0.99
N VAL B 381 -4.71 -3.17 0.97
CA VAL B 381 -5.26 -3.87 2.13
C VAL B 381 -6.22 -4.93 1.61
N MET B 382 -6.42 -5.99 2.40
CA MET B 382 -7.35 -7.07 2.04
C MET B 382 -8.50 -7.16 3.04
N CYS B 383 -9.72 -7.18 2.52
CA CYS B 383 -10.91 -7.40 3.32
C CYS B 383 -11.47 -8.80 3.04
N THR B 384 -11.65 -9.59 4.10
CA THR B 384 -12.18 -10.93 3.98
C THR B 384 -13.50 -11.03 4.74
N GLY B 385 -14.32 -12.01 4.37
CA GLY B 385 -15.65 -12.14 4.92
C GLY B 385 -15.78 -13.26 5.92
N GLY B 386 -16.76 -13.14 6.79
CA GLY B 386 -17.07 -14.11 7.83
C GLY B 386 -18.19 -15.06 7.43
N SER B 387 -19.05 -15.38 8.39
CA SER B 387 -20.12 -16.34 8.17
C SER B 387 -21.44 -15.83 8.74
N TYR B 388 -22.54 -16.30 8.17
CA TYR B 388 -23.88 -15.87 8.56
C TYR B 388 -24.84 -17.05 8.47
N ASN B 389 -25.67 -17.20 9.49
CA ASN B 389 -26.60 -18.31 9.61
C ASN B 389 -27.98 -17.87 9.18
N PHE B 390 -28.62 -18.66 8.31
CA PHE B 390 -30.01 -18.43 7.93
C PHE B 390 -30.92 -19.31 8.77
N SER B 391 -31.47 -18.73 9.83
CA SER B 391 -32.16 -19.48 10.88
C SER B 391 -33.59 -19.82 10.43
N LEU B 392 -33.74 -21.03 9.90
CA LEU B 392 -35.05 -21.50 9.51
C LEU B 392 -35.79 -21.99 10.76
N PRO B 393 -37.13 -22.01 10.74
CA PRO B 393 -37.86 -22.55 11.89
C PRO B 393 -37.68 -24.05 12.10
N VAL B 394 -37.79 -24.85 11.04
CA VAL B 394 -37.68 -26.30 11.13
C VAL B 394 -36.66 -26.77 10.10
N GLY B 395 -35.62 -27.44 10.55
CA GLY B 395 -34.65 -28.06 9.67
C GLY B 395 -33.26 -27.53 9.91
N GLN B 396 -32.31 -28.08 9.16
CA GLN B 396 -30.93 -27.62 9.24
C GLN B 396 -30.78 -26.26 8.57
N TRP B 397 -29.81 -25.49 9.03
CA TRP B 397 -29.68 -24.10 8.61
C TRP B 397 -28.62 -24.00 7.53
N PRO B 398 -28.86 -23.30 6.43
CA PRO B 398 -27.77 -23.02 5.49
C PRO B 398 -26.92 -21.85 5.98
N VAL B 399 -25.63 -21.89 5.63
CA VAL B 399 -24.68 -20.86 6.02
C VAL B 399 -24.06 -20.27 4.77
N LEU B 400 -23.53 -19.05 4.89
CA LEU B 400 -22.86 -18.35 3.82
C LEU B 400 -21.52 -17.84 4.35
N THR B 401 -20.43 -18.40 3.84
CA THR B 401 -19.11 -18.11 4.37
C THR B 401 -18.11 -17.91 3.24
N GLY B 402 -17.08 -17.12 3.52
CA GLY B 402 -15.96 -16.95 2.61
C GLY B 402 -16.02 -15.64 1.84
N GLY B 403 -15.00 -15.45 1.00
CA GLY B 403 -14.90 -14.31 0.10
C GLY B 403 -13.79 -13.36 0.49
N ALA B 404 -13.14 -12.77 -0.51
CA ALA B 404 -12.04 -11.86 -0.27
C ALA B 404 -11.85 -10.95 -1.48
N VAL B 405 -11.27 -9.78 -1.23
CA VAL B 405 -11.01 -8.79 -2.27
C VAL B 405 -9.92 -7.84 -1.73
N SER B 406 -9.21 -7.17 -2.64
CA SER B 406 -8.13 -6.27 -2.26
C SER B 406 -8.35 -4.90 -2.90
N LEU B 407 -7.86 -3.85 -2.23
CA LEU B 407 -8.19 -2.47 -2.56
C LEU B 407 -6.95 -1.74 -3.04
N HIS B 408 -7.06 -1.05 -4.18
CA HIS B 408 -5.95 -0.33 -4.78
C HIS B 408 -6.42 1.07 -5.15
N SER B 409 -5.57 2.07 -4.88
CA SER B 409 -5.92 3.48 -4.95
C SER B 409 -6.10 3.94 -6.38
N ALA B 410 -7.12 4.81 -6.60
CA ALA B 410 -7.44 5.24 -7.94
C ALA B 410 -7.83 6.71 -8.08
N GLY B 411 -7.53 7.57 -7.12
CA GLY B 411 -7.80 8.99 -7.28
C GLY B 411 -8.46 9.67 -6.10
N VAL B 412 -8.43 11.00 -6.06
CA VAL B 412 -9.02 11.80 -4.99
C VAL B 412 -9.96 12.83 -5.63
N THR B 413 -11.08 13.10 -4.97
CA THR B 413 -12.08 14.04 -5.46
C THR B 413 -12.52 14.97 -4.36
N LEU B 414 -12.57 16.28 -4.64
CA LEU B 414 -13.09 17.29 -3.74
C LEU B 414 -14.41 17.82 -4.30
N SER B 415 -15.34 18.17 -3.41
CA SER B 415 -16.64 18.69 -3.82
C SER B 415 -17.14 19.73 -2.83
N THR B 416 -17.92 20.68 -3.34
CA THR B 416 -18.48 21.78 -2.54
C THR B 416 -19.97 21.91 -2.81
N GLN B 417 -20.75 22.24 -1.79
CA GLN B 417 -22.13 22.65 -1.93
C GLN B 417 -22.27 24.10 -1.52
N PHE B 418 -23.09 24.85 -2.25
CA PHE B 418 -23.27 26.27 -2.02
C PHE B 418 -24.62 26.48 -1.36
N THR B 419 -24.61 26.92 -0.11
CA THR B 419 -25.84 27.10 0.67
C THR B 419 -25.69 28.37 1.51
N ASP B 420 -26.27 29.48 1.02
CA ASP B 420 -26.37 30.76 1.73
C ASP B 420 -25.01 31.31 2.14
N PHE B 421 -24.13 31.49 1.14
CA PHE B 421 -22.80 32.08 1.28
C PHE B 421 -21.89 31.29 2.22
N VAL B 422 -22.16 30.00 2.35
CA VAL B 422 -21.36 29.07 3.14
C VAL B 422 -21.13 27.82 2.31
N SER B 423 -19.86 27.43 2.17
CA SER B 423 -19.51 26.24 1.41
C SER B 423 -19.42 25.02 2.33
N LEU B 424 -19.83 23.88 1.80
CA LEU B 424 -19.85 22.62 2.53
C LEU B 424 -18.95 21.63 1.80
N ASN B 425 -17.85 21.26 2.43
CA ASN B 425 -16.76 20.57 1.74
C ASN B 425 -16.78 19.07 2.02
N SER B 426 -16.15 18.32 1.12
CA SER B 426 -15.98 16.88 1.23
C SER B 426 -14.71 16.49 0.50
N LEU B 427 -14.12 15.37 0.91
CA LEU B 427 -12.91 14.85 0.29
C LEU B 427 -13.02 13.34 0.25
N ARG B 428 -13.04 12.77 -0.95
CA ARG B 428 -13.34 11.36 -1.15
C ARG B 428 -12.16 10.66 -1.78
N PHE B 429 -11.84 9.46 -1.31
CA PHE B 429 -10.84 8.61 -1.92
C PHE B 429 -11.51 7.47 -2.69
N ARG B 430 -10.95 7.13 -3.85
CA ARG B 430 -11.45 6.06 -4.68
C ARG B 430 -10.52 4.85 -4.58
N PHE B 431 -11.11 3.67 -4.68
CA PHE B 431 -10.36 2.42 -4.64
C PHE B 431 -10.97 1.41 -5.60
N ARG B 432 -10.15 0.88 -6.49
CA ARG B 432 -10.57 -0.19 -7.38
C ARG B 432 -10.22 -1.52 -6.73
N LEU B 433 -10.80 -2.61 -7.25
CA LEU B 433 -10.83 -3.87 -6.53
C LEU B 433 -10.34 -5.00 -7.41
N ALA B 434 -9.82 -6.04 -6.77
CA ALA B 434 -9.36 -7.26 -7.43
C ALA B 434 -9.65 -8.46 -6.54
N VAL B 435 -10.21 -9.51 -7.13
CA VAL B 435 -10.65 -10.67 -6.36
C VAL B 435 -9.46 -11.48 -5.89
N GLU B 436 -9.65 -12.29 -4.85
CA GLU B 436 -8.56 -12.95 -4.16
C GLU B 436 -8.91 -14.42 -3.95
N GLU B 437 -8.14 -15.09 -3.09
CA GLU B 437 -8.08 -16.55 -3.14
C GLU B 437 -9.28 -17.27 -2.53
N PRO B 438 -9.82 -16.91 -1.35
CA PRO B 438 -10.99 -17.67 -0.86
C PRO B 438 -12.24 -17.31 -1.64
N HIS B 439 -12.96 -18.35 -2.05
CA HIS B 439 -14.25 -18.20 -2.70
C HIS B 439 -15.36 -18.29 -1.66
N PHE B 440 -16.50 -17.67 -1.96
CA PHE B 440 -17.63 -17.81 -1.06
C PHE B 440 -18.58 -18.87 -1.57
N LYS B 441 -19.36 -19.43 -0.63
CA LYS B 441 -20.25 -20.53 -0.95
C LYS B 441 -21.44 -20.48 0.01
N LEU B 442 -22.56 -21.01 -0.47
CA LEU B 442 -23.78 -21.11 0.32
C LEU B 442 -24.13 -22.59 0.44
N THR B 443 -24.02 -23.11 1.66
CA THR B 443 -24.22 -24.51 1.98
C THR B 443 -25.69 -24.89 1.79
N ARG B 444 -25.92 -26.17 1.45
CA ARG B 444 -27.25 -26.79 1.29
C ARG B 444 -27.97 -26.21 0.07
N THR B 445 -27.19 -25.71 -0.89
CA THR B 445 -27.73 -25.19 -2.14
C THR B 445 -26.94 -25.77 -3.31
N ARG B 446 -27.24 -25.27 -4.51
CA ARG B 446 -26.56 -25.62 -5.74
C ARG B 446 -25.57 -24.53 -6.16
N LEU B 447 -25.67 -23.35 -5.55
CA LEU B 447 -24.85 -22.20 -5.88
C LEU B 447 -23.39 -22.46 -5.54
N SER B 448 -22.52 -22.37 -6.55
CA SER B 448 -21.22 -23.03 -6.49
C SER B 448 -20.06 -22.05 -6.73
N ARG B 449 -19.41 -21.68 -5.63
CA ARG B 449 -17.99 -21.28 -5.57
C ARG B 449 -17.66 -20.07 -6.44
N LEU B 450 -18.19 -18.93 -6.04
CA LEU B 450 -17.95 -17.69 -6.79
C LEU B 450 -16.92 -16.83 -6.08
N TYR B 451 -16.46 -15.79 -6.77
CA TYR B 451 -15.47 -14.86 -6.24
C TYR B 451 -16.08 -13.49 -6.00
N GLY B 452 -15.52 -12.78 -5.03
CA GLY B 452 -16.07 -11.51 -4.58
C GLY B 452 -16.33 -11.51 -3.08
N LEU B 453 -16.77 -10.36 -2.58
CA LEU B 453 -17.01 -10.18 -1.15
C LEU B 453 -18.47 -9.86 -0.90
N PRO B 454 -19.26 -10.78 -0.33
CA PRO B 454 -20.66 -10.47 -0.05
C PRO B 454 -20.87 -9.58 1.17
N ALA B 455 -22.11 -9.19 1.43
CA ALA B 455 -22.46 -8.32 2.55
C ALA B 455 -23.07 -9.07 3.72
N ALA B 456 -22.74 -10.34 3.91
CA ALA B 456 -23.28 -11.07 5.06
C ALA B 456 -22.57 -10.67 6.34
N ASN B 457 -21.23 -10.70 6.32
CA ASN B 457 -20.41 -10.32 7.47
C ASN B 457 -19.08 -9.79 6.93
N PRO B 458 -19.03 -8.51 6.55
CA PRO B 458 -17.83 -8.00 5.87
C PRO B 458 -16.65 -7.77 6.79
N ASN B 459 -16.94 -7.36 8.02
CA ASN B 459 -15.88 -6.92 8.92
C ASN B 459 -15.12 -8.09 9.52
N ASN B 460 -15.75 -9.26 9.61
CA ASN B 460 -15.17 -10.50 10.13
C ASN B 460 -14.70 -10.33 11.58
N GLY B 461 -15.52 -9.65 12.36
CA GLY B 461 -15.26 -9.50 13.78
C GLY B 461 -14.09 -8.60 14.12
N LYS B 462 -13.69 -7.73 13.20
CA LYS B 462 -12.60 -6.78 13.44
C LYS B 462 -13.18 -5.46 13.91
N GLU B 463 -12.33 -4.65 14.54
CA GLU B 463 -12.76 -3.32 14.93
C GLU B 463 -12.71 -2.35 13.76
N TYR B 464 -11.65 -2.43 12.95
CA TYR B 464 -11.46 -1.53 11.82
C TYR B 464 -10.48 -2.16 10.85
N TYR B 465 -10.38 -1.56 9.67
CA TYR B 465 -9.31 -1.79 8.70
C TYR B 465 -8.41 -0.57 8.68
N GLU B 466 -7.29 -0.66 7.95
CA GLU B 466 -6.31 0.42 8.02
C GLU B 466 -5.48 0.52 6.75
N ILE B 467 -5.28 1.75 6.27
CA ILE B 467 -4.46 2.07 5.11
C ILE B 467 -3.55 3.25 5.51
N ALA B 468 -2.26 3.15 5.17
CA ALA B 468 -1.32 4.21 5.49
C ALA B 468 -0.57 4.65 4.24
N GLY B 469 -0.16 5.91 4.22
CA GLY B 469 0.53 6.45 3.05
C GLY B 469 0.93 7.90 3.26
N ARG B 470 1.06 8.61 2.13
CA ARG B 470 1.35 10.05 2.10
C ARG B 470 0.53 10.71 1.01
N PHE B 471 0.46 12.04 1.07
CA PHE B 471 -0.17 12.84 0.03
C PHE B 471 0.63 14.11 -0.20
N SER B 472 0.36 14.79 -1.30
CA SER B 472 1.00 16.06 -1.63
C SER B 472 -0.03 17.03 -2.16
N LEU B 473 -0.08 18.23 -1.58
CA LEU B 473 -1.12 19.20 -1.90
C LEU B 473 -0.48 20.53 -2.29
N ILE B 474 -1.03 21.16 -3.34
CA ILE B 474 -0.65 22.50 -3.75
C ILE B 474 -1.93 23.33 -3.84
N SER B 475 -1.92 24.51 -3.23
CA SER B 475 -3.12 25.33 -3.19
C SER B 475 -2.76 26.80 -3.05
N LEU B 476 -3.64 27.67 -3.54
CA LEU B 476 -3.55 29.09 -3.24
C LEU B 476 -3.95 29.38 -1.80
N VAL B 477 -3.11 30.12 -1.10
CA VAL B 477 -3.40 30.59 0.25
C VAL B 477 -3.29 32.11 0.23
N PRO B 478 -3.93 32.84 1.14
CA PRO B 478 -3.76 34.30 1.14
C PRO B 478 -2.41 34.70 1.72
N SER B 479 -1.62 35.42 0.93
CA SER B 479 -0.28 35.82 1.31
C SER B 479 -0.33 36.98 2.30
N ASN B 480 0.40 36.85 3.40
CA ASN B 480 0.43 37.86 4.46
C ASN B 480 1.20 39.10 4.02
N VAL C 2 10.49 -3.29 -18.34
CA VAL C 2 11.00 -2.03 -17.83
C VAL C 2 12.50 -2.14 -17.53
N GLN C 3 13.24 -1.07 -17.78
CA GLN C 3 14.68 -1.08 -17.60
C GLN C 3 15.13 0.25 -17.01
N LEU C 4 16.13 0.21 -16.15
CA LEU C 4 16.71 1.39 -15.55
C LEU C 4 18.23 1.26 -15.65
N LYS C 5 18.91 2.37 -15.92
CA LYS C 5 20.34 2.34 -16.20
C LYS C 5 21.03 3.58 -15.63
N GLU C 6 22.09 3.36 -14.86
CA GLU C 6 22.86 4.45 -14.25
C GLU C 6 24.10 4.76 -15.08
N SER C 7 24.60 5.98 -14.92
CA SER C 7 25.82 6.41 -15.59
C SER C 7 26.44 7.56 -14.81
N GLY C 8 27.61 7.32 -14.23
CA GLY C 8 28.26 8.31 -13.41
C GLY C 8 29.73 8.46 -13.71
N PRO C 9 30.40 9.38 -13.00
CA PRO C 9 31.84 9.61 -13.27
C PRO C 9 32.74 8.46 -12.85
N GLY C 10 32.64 7.98 -11.62
CA GLY C 10 33.44 6.86 -11.19
C GLY C 10 34.58 7.25 -10.27
N LEU C 11 35.23 8.37 -10.56
CA LEU C 11 36.29 8.90 -9.71
C LEU C 11 36.10 10.39 -9.56
N VAL C 12 36.09 10.86 -8.31
CA VAL C 12 35.93 12.28 -8.00
C VAL C 12 36.82 12.59 -6.81
N ALA C 13 37.31 13.83 -6.76
CA ALA C 13 38.17 14.33 -5.71
C ALA C 13 37.33 14.75 -4.51
N PRO C 14 37.94 14.89 -3.32
CA PRO C 14 37.18 15.43 -2.19
C PRO C 14 36.84 16.89 -2.37
N SER C 15 35.79 17.31 -1.65
CA SER C 15 35.23 18.67 -1.68
C SER C 15 34.80 19.08 -3.09
N GLN C 16 34.19 18.14 -3.81
CA GLN C 16 33.74 18.37 -5.18
C GLN C 16 32.27 18.03 -5.32
N SER C 17 31.77 17.97 -6.55
CA SER C 17 30.38 17.63 -6.77
C SER C 17 30.24 16.22 -7.36
N LEU C 18 29.00 15.84 -7.64
CA LEU C 18 28.68 14.52 -8.19
C LEU C 18 27.41 14.69 -9.03
N SER C 19 27.32 13.93 -10.12
CA SER C 19 26.11 13.93 -10.93
C SER C 19 25.93 12.56 -11.56
N ILE C 20 24.79 11.95 -11.30
CA ILE C 20 24.44 10.63 -11.82
C ILE C 20 23.15 10.79 -12.63
N THR C 21 23.06 10.11 -13.77
CA THR C 21 21.89 10.18 -14.62
C THR C 21 21.28 8.79 -14.79
N CYS C 22 20.00 8.65 -14.47
CA CYS C 22 19.28 7.39 -14.56
C CYS C 22 18.28 7.46 -15.70
N THR C 23 18.63 6.83 -16.82
CA THR C 23 17.76 6.79 -18.00
C THR C 23 16.83 5.59 -17.93
N VAL C 24 15.53 5.84 -17.95
CA VAL C 24 14.53 4.79 -17.79
C VAL C 24 13.97 4.43 -19.15
N SER C 25 13.27 3.30 -19.18
CA SER C 25 12.67 2.78 -20.40
C SER C 25 11.58 1.79 -20.03
N GLY C 26 10.53 1.73 -20.84
CA GLY C 26 9.46 0.78 -20.65
C GLY C 26 8.26 1.30 -19.89
N PHE C 27 8.35 2.50 -19.33
CA PHE C 27 7.24 3.13 -18.62
C PHE C 27 7.39 4.63 -18.76
N SER C 28 6.45 5.37 -18.19
CA SER C 28 6.45 6.82 -18.24
C SER C 28 6.79 7.41 -16.88
N LEU C 29 7.50 8.53 -16.90
CA LEU C 29 7.83 9.24 -15.67
C LEU C 29 6.70 10.12 -15.18
N SER C 30 5.68 10.36 -16.00
CA SER C 30 4.52 11.12 -15.59
C SER C 30 3.46 10.25 -14.92
N ARG C 31 3.70 8.95 -14.86
CA ARG C 31 2.78 8.03 -14.21
C ARG C 31 3.36 7.45 -12.93
N TYR C 32 4.67 7.40 -12.79
CA TYR C 32 5.35 6.67 -11.73
C TYR C 32 6.35 7.58 -11.06
N SER C 33 6.90 7.12 -9.95
CA SER C 33 7.82 7.89 -9.13
C SER C 33 9.05 7.06 -8.79
N VAL C 34 10.20 7.74 -8.68
CA VAL C 34 11.51 7.11 -8.70
C VAL C 34 12.27 7.45 -7.42
N HIS C 35 12.98 6.47 -6.86
CA HIS C 35 13.80 6.64 -5.66
C HIS C 35 15.28 6.61 -6.00
N TRP C 36 16.10 6.99 -5.01
CA TRP C 36 17.55 6.83 -5.04
C TRP C 36 18.00 6.26 -3.69
N VAL C 37 18.84 5.24 -3.71
CA VAL C 37 19.41 4.64 -2.50
C VAL C 37 20.89 4.37 -2.74
N ARG C 38 21.61 4.02 -1.67
CA ARG C 38 23.01 3.68 -1.77
C ARG C 38 23.36 2.62 -0.74
N GLN C 39 24.54 2.03 -0.90
CA GLN C 39 25.04 1.00 0.01
C GLN C 39 26.53 1.16 0.23
N PRO C 40 26.98 1.58 1.41
CA PRO C 40 28.40 1.68 1.67
C PRO C 40 29.02 0.31 1.80
N PRO C 41 30.35 0.20 1.68
CA PRO C 41 30.99 -1.11 1.85
C PRO C 41 30.97 -1.57 3.31
N GLY C 42 30.45 -2.76 3.52
CA GLY C 42 30.34 -3.29 4.87
C GLY C 42 29.23 -2.65 5.68
N LYS C 43 28.26 -2.02 5.01
CA LYS C 43 27.12 -1.42 5.68
C LYS C 43 25.86 -1.79 4.92
N GLY C 44 24.71 -1.55 5.55
CA GLY C 44 23.44 -1.82 4.93
C GLY C 44 23.02 -0.74 3.95
N LEU C 45 21.79 -0.87 3.46
CA LEU C 45 21.25 0.07 2.49
C LEU C 45 20.73 1.32 3.19
N GLU C 46 20.81 2.46 2.50
CA GLU C 46 20.31 3.73 3.03
C GLU C 46 19.51 4.45 1.97
N TRP C 47 18.43 5.10 2.41
CA TRP C 47 17.52 5.82 1.55
C TRP C 47 17.97 7.26 1.42
N LEU C 48 17.84 7.81 0.21
CA LEU C 48 18.28 9.18 -0.05
C LEU C 48 17.15 10.14 -0.36
N GLY C 49 16.30 9.82 -1.33
CA GLY C 49 15.25 10.76 -1.70
C GLY C 49 14.23 10.12 -2.61
N MET C 50 13.32 10.96 -3.09
CA MET C 50 12.21 10.54 -3.93
C MET C 50 11.70 11.75 -4.70
N ILE C 51 11.42 11.56 -5.98
CA ILE C 51 10.74 12.56 -6.79
C ILE C 51 9.37 12.02 -7.16
N TRP C 52 8.35 12.88 -7.13
CA TRP C 52 6.97 12.49 -7.34
C TRP C 52 6.62 12.45 -8.82
N ASN C 53 5.32 12.35 -9.11
CA ASN C 53 4.84 12.36 -10.48
C ASN C 53 4.99 13.74 -11.11
N ILE C 54 4.39 14.75 -10.49
CA ILE C 54 4.72 16.13 -10.78
C ILE C 54 6.00 16.48 -10.06
N GLY C 55 6.55 17.64 -10.39
CA GLY C 55 7.79 18.05 -9.75
C GLY C 55 7.65 18.34 -8.28
N SER C 56 8.12 17.41 -7.45
CA SER C 56 8.03 17.48 -6.01
C SER C 56 8.97 16.46 -5.40
N THR C 57 9.75 16.85 -4.40
CA THR C 57 10.80 16.01 -3.88
C THR C 57 10.73 15.88 -2.36
N ASP C 58 11.10 14.71 -1.87
CA ASP C 58 11.38 14.47 -0.46
C ASP C 58 12.85 14.10 -0.32
N TYR C 59 13.42 14.42 0.83
CA TYR C 59 14.85 14.21 1.05
C TYR C 59 15.09 13.53 2.37
N ASN C 60 16.31 13.00 2.51
CA ASN C 60 16.77 12.49 3.80
C ASN C 60 17.13 13.66 4.69
N SER C 61 16.98 13.49 6.00
CA SER C 61 17.12 14.63 6.90
C SER C 61 18.58 14.98 7.15
N ALA C 62 19.46 13.98 7.13
CA ALA C 62 20.86 14.23 7.43
C ALA C 62 21.57 14.87 6.23
N LEU C 63 21.22 14.43 5.03
CA LEU C 63 21.82 14.93 3.81
C LEU C 63 20.94 15.93 3.07
N LYS C 64 20.11 16.67 3.80
CA LYS C 64 19.13 17.54 3.16
C LYS C 64 19.80 18.77 2.55
N SER C 65 20.84 19.28 3.21
CA SER C 65 21.45 20.52 2.76
C SER C 65 22.47 20.33 1.66
N ARG C 66 22.59 19.13 1.08
CA ARG C 66 23.54 18.88 0.01
C ARG C 66 22.89 18.54 -1.31
N LEU C 67 21.97 17.58 -1.33
CA LEU C 67 21.58 16.92 -2.57
C LEU C 67 20.24 17.42 -3.05
N SER C 68 20.01 17.27 -4.35
CA SER C 68 18.79 17.72 -5.01
C SER C 68 18.50 16.81 -6.18
N ILE C 69 17.22 16.58 -6.46
CA ILE C 69 16.77 15.67 -7.50
C ILE C 69 15.86 16.43 -8.45
N SER C 70 16.11 16.28 -9.75
CA SER C 70 15.23 16.81 -10.79
C SER C 70 15.07 15.74 -11.85
N LYS C 71 14.19 16.01 -12.82
CA LYS C 71 13.97 15.04 -13.89
C LYS C 71 13.59 15.75 -15.18
N ASP C 72 13.38 14.95 -16.21
CA ASP C 72 12.91 15.39 -17.52
C ASP C 72 11.90 14.37 -18.02
N ASN C 73 10.69 14.84 -18.35
CA ASN C 73 9.64 13.91 -18.77
C ASN C 73 9.75 13.54 -20.23
N SER C 74 10.19 14.48 -21.08
CA SER C 74 10.19 14.23 -22.51
C SER C 74 11.27 13.24 -22.90
N GLN C 75 12.52 13.59 -22.67
CA GLN C 75 13.61 12.63 -22.69
C GLN C 75 13.63 11.93 -21.34
N SER C 76 13.18 10.68 -21.30
CA SER C 76 12.86 10.02 -20.04
C SER C 76 14.10 9.67 -19.25
N GLN C 77 14.55 10.59 -18.40
CA GLN C 77 15.75 10.40 -17.60
C GLN C 77 15.71 11.31 -16.38
N VAL C 78 16.16 10.75 -15.26
CA VAL C 78 16.13 11.41 -13.95
C VAL C 78 17.57 11.53 -13.48
N PHE C 79 17.92 12.69 -12.91
CA PHE C 79 19.30 12.87 -12.49
C PHE C 79 19.41 13.38 -11.07
N LEU C 80 20.55 13.09 -10.45
CA LEU C 80 20.89 13.39 -9.06
C LEU C 80 22.11 14.29 -9.02
N LYS C 81 22.22 15.09 -7.96
CA LYS C 81 23.41 15.86 -7.66
C LYS C 81 23.74 15.74 -6.18
N LEU C 82 25.01 15.89 -5.83
CA LEU C 82 25.48 15.84 -4.46
C LEU C 82 26.82 16.56 -4.39
N ASN C 83 26.91 17.58 -3.54
CA ASN C 83 28.07 18.45 -3.54
C ASN C 83 28.78 18.44 -2.19
N SER C 84 30.04 18.89 -2.22
CA SER C 84 30.93 19.03 -1.06
C SER C 84 31.09 17.69 -0.32
N LEU C 85 31.48 16.67 -1.07
CA LEU C 85 31.41 15.32 -0.55
C LEU C 85 32.69 14.93 0.19
N GLN C 86 32.56 13.97 1.09
CA GLN C 86 33.64 13.53 1.96
C GLN C 86 34.05 12.11 1.59
N THR C 87 34.93 11.53 2.42
CA THR C 87 35.39 10.18 2.19
C THR C 87 34.42 9.13 2.72
N ASP C 88 33.36 9.57 3.39
CA ASP C 88 32.30 8.66 3.81
C ASP C 88 31.35 8.32 2.68
N ASP C 89 31.43 9.03 1.56
CA ASP C 89 30.38 8.95 0.55
C ASP C 89 30.71 7.93 -0.53
N ALA C 90 31.72 7.09 -0.31
CA ALA C 90 32.03 6.06 -1.28
C ALA C 90 31.06 4.90 -1.15
N ALA C 91 30.26 4.67 -2.19
CA ALA C 91 29.21 3.66 -2.14
C ALA C 91 28.79 3.30 -3.55
N ILE C 92 27.75 2.48 -3.65
CA ILE C 92 27.16 2.10 -4.93
C ILE C 92 25.76 2.69 -4.98
N TYR C 93 25.49 3.51 -5.99
CA TYR C 93 24.25 4.25 -6.07
C TYR C 93 23.27 3.56 -7.01
N TYR C 94 22.01 3.52 -6.58
CA TYR C 94 20.95 2.78 -7.27
C TYR C 94 19.79 3.73 -7.54
N CYS C 95 19.12 3.51 -8.66
CA CYS C 95 17.84 4.16 -8.93
C CYS C 95 16.78 3.07 -9.09
N ALA C 96 15.64 3.26 -8.42
CA ALA C 96 14.60 2.25 -8.37
C ALA C 96 13.23 2.91 -8.54
N ARG C 97 12.23 2.09 -8.81
CA ARG C 97 10.89 2.59 -9.06
C ARG C 97 9.94 2.24 -7.91
N ASN C 98 9.11 3.21 -7.53
CA ASN C 98 8.10 3.04 -6.52
C ASN C 98 6.89 2.32 -7.10
N SER C 99 6.29 1.43 -6.31
CA SER C 99 5.07 0.75 -6.69
C SER C 99 3.90 1.08 -5.78
N GLY C 100 4.04 0.85 -4.48
CA GLY C 100 2.92 1.05 -3.58
C GLY C 100 3.04 2.30 -2.75
N PHE C 101 3.40 2.17 -1.48
CA PHE C 101 3.80 3.33 -0.69
C PHE C 101 5.31 3.52 -0.70
N ASP C 102 6.06 2.53 -0.19
CA ASP C 102 7.51 2.60 -0.25
C ASP C 102 8.14 1.32 -0.77
N LEU C 103 7.43 0.54 -1.57
CA LEU C 103 7.97 -0.70 -2.10
C LEU C 103 8.80 -0.41 -3.34
N PHE C 104 9.95 -1.07 -3.42
CA PHE C 104 10.92 -0.80 -4.48
C PHE C 104 10.80 -1.91 -5.52
N ASP C 105 10.05 -1.64 -6.58
CA ASP C 105 9.58 -2.64 -7.53
C ASP C 105 10.69 -3.15 -8.44
N PHE C 106 11.33 -2.27 -9.20
CA PHE C 106 12.38 -2.63 -10.13
C PHE C 106 13.64 -1.84 -9.82
N TRP C 107 14.77 -2.52 -9.83
CA TRP C 107 16.05 -1.95 -9.44
C TRP C 107 16.95 -1.78 -10.65
N GLY C 108 17.91 -0.88 -10.54
CA GLY C 108 18.90 -0.69 -11.58
C GLY C 108 20.12 -1.53 -11.37
N GLN C 109 21.08 -1.39 -12.29
CA GLN C 109 22.36 -2.09 -12.13
C GLN C 109 23.19 -1.45 -11.03
N GLY C 110 23.44 -0.15 -11.13
CA GLY C 110 24.20 0.54 -10.12
C GLY C 110 25.56 0.99 -10.60
N THR C 111 25.95 2.19 -10.22
CA THR C 111 27.29 2.70 -10.49
C THR C 111 28.01 2.92 -9.18
N THR C 112 29.32 2.68 -9.19
CA THR C 112 30.12 2.80 -7.99
C THR C 112 30.94 4.08 -8.01
N LEU C 113 31.25 4.59 -6.83
CA LEU C 113 31.92 5.87 -6.67
C LEU C 113 33.17 5.70 -5.82
N THR C 114 34.29 6.22 -6.31
CA THR C 114 35.56 6.17 -5.62
C THR C 114 35.98 7.59 -5.26
N VAL C 115 36.13 7.86 -3.98
CA VAL C 115 36.58 9.17 -3.53
C VAL C 115 37.47 9.07 -2.30
N ASP D 1 12.06 7.43 12.66
CA ASP D 1 13.25 6.63 12.52
C ASP D 1 13.06 5.31 13.24
N ILE D 2 12.28 4.41 12.63
CA ILE D 2 12.05 3.08 13.18
C ILE D 2 13.27 2.22 12.82
N VAL D 3 13.83 1.54 13.82
CA VAL D 3 15.03 0.77 13.61
C VAL D 3 14.70 -0.70 13.43
N MET D 4 15.13 -1.27 12.31
CA MET D 4 14.92 -2.68 11.99
C MET D 4 16.20 -3.45 12.30
N THR D 5 16.13 -4.39 13.23
CA THR D 5 17.30 -5.11 13.70
C THR D 5 17.17 -6.59 13.42
N GLN D 6 18.10 -7.13 12.64
CA GLN D 6 18.23 -8.56 12.43
C GLN D 6 19.25 -9.09 13.42
N SER D 7 18.92 -10.19 14.08
CA SER D 7 19.73 -10.64 15.21
C SER D 7 21.00 -11.36 14.75
N HIS D 8 20.94 -12.08 13.64
CA HIS D 8 22.06 -12.86 13.15
C HIS D 8 22.63 -12.22 11.90
N LYS D 9 23.87 -12.62 11.58
CA LYS D 9 24.52 -12.21 10.34
C LYS D 9 24.93 -13.39 9.46
N PHE D 10 24.82 -14.62 9.97
CA PHE D 10 25.15 -15.81 9.21
C PHE D 10 24.19 -16.91 9.61
N MET D 11 23.82 -17.76 8.64
CA MET D 11 22.99 -18.92 8.88
C MET D 11 23.61 -20.12 8.18
N SER D 12 23.63 -21.24 8.87
CA SER D 12 24.15 -22.49 8.30
C SER D 12 23.00 -23.47 8.10
N THR D 13 22.98 -24.09 6.92
CA THR D 13 21.89 -24.98 6.56
C THR D 13 22.38 -26.00 5.54
N SER D 14 21.60 -27.05 5.37
CA SER D 14 21.90 -28.11 4.42
C SER D 14 21.03 -27.96 3.19
N VAL D 15 21.09 -28.93 2.27
CA VAL D 15 20.48 -28.73 0.96
C VAL D 15 18.98 -29.00 0.93
N GLY D 16 18.45 -29.89 1.75
CA GLY D 16 17.01 -29.87 1.92
C GLY D 16 16.60 -29.88 3.38
N ASP D 17 16.08 -28.75 3.86
CA ASP D 17 15.64 -28.55 5.24
C ASP D 17 14.96 -27.17 5.32
N ARG D 18 14.60 -26.78 6.53
CA ARG D 18 13.93 -25.50 6.77
C ARG D 18 14.91 -24.46 7.30
N VAL D 19 14.75 -23.22 6.83
CA VAL D 19 15.52 -22.07 7.27
C VAL D 19 14.52 -21.01 7.72
N SER D 20 14.83 -20.32 8.81
CA SER D 20 14.00 -19.21 9.25
C SER D 20 14.90 -18.04 9.63
N ILE D 21 14.51 -16.84 9.19
CA ILE D 21 15.23 -15.60 9.43
C ILE D 21 14.28 -14.62 10.08
N THR D 22 14.72 -13.97 11.17
CA THR D 22 13.87 -13.08 11.94
C THR D 22 14.44 -11.67 11.99
N CYS D 23 13.57 -10.69 12.26
CA CYS D 23 13.99 -9.33 12.58
C CYS D 23 12.91 -8.64 13.39
N LYS D 24 13.33 -7.77 14.31
CA LYS D 24 12.45 -7.03 15.20
C LYS D 24 12.31 -5.59 14.75
N ALA D 25 11.35 -4.91 15.37
CA ALA D 25 11.08 -3.51 15.11
C ALA D 25 11.12 -2.73 16.41
N SER D 26 11.46 -1.45 16.30
CA SER D 26 11.52 -0.60 17.49
C SER D 26 10.12 -0.18 17.93
N GLN D 27 9.26 0.12 16.97
CA GLN D 27 7.90 0.55 17.25
C GLN D 27 6.91 -0.49 16.75
N ASP D 28 5.62 -0.15 16.85
CA ASP D 28 4.59 -1.04 16.37
C ASP D 28 4.30 -0.76 14.90
N VAL D 29 4.77 -1.64 14.03
CA VAL D 29 4.50 -1.56 12.61
C VAL D 29 3.46 -2.62 12.27
N THR D 30 2.29 -2.17 11.87
CA THR D 30 1.11 -3.03 11.78
C THR D 30 1.14 -3.75 10.44
N SER D 31 1.91 -4.85 10.38
CA SER D 31 1.96 -5.78 9.25
C SER D 31 2.37 -5.11 7.94
N ALA D 32 3.50 -4.41 7.96
CA ALA D 32 3.95 -3.61 6.83
C ALA D 32 5.44 -3.83 6.59
N VAL D 33 5.86 -5.09 6.49
CA VAL D 33 7.27 -5.45 6.38
C VAL D 33 7.52 -6.22 5.09
N ALA D 34 8.49 -5.77 4.30
CA ALA D 34 8.87 -6.41 3.04
C ALA D 34 10.17 -7.18 3.18
N TRP D 35 10.45 -8.04 2.20
CA TRP D 35 11.64 -8.88 2.20
C TRP D 35 12.30 -8.82 0.83
N TYR D 36 13.63 -8.86 0.81
CA TYR D 36 14.43 -8.72 -0.39
C TYR D 36 15.51 -9.80 -0.47
N GLN D 37 16.06 -9.99 -1.65
CA GLN D 37 17.10 -10.98 -1.91
C GLN D 37 18.13 -10.40 -2.86
N GLN D 38 19.40 -10.60 -2.56
CA GLN D 38 20.48 -10.11 -3.40
C GLN D 38 21.51 -11.21 -3.61
N LYS D 39 21.44 -11.88 -4.75
CA LYS D 39 22.40 -12.87 -5.20
C LYS D 39 23.74 -12.21 -5.50
N PRO D 40 24.85 -12.94 -5.49
CA PRO D 40 26.18 -12.29 -5.65
C PRO D 40 26.38 -11.69 -7.04
N GLY D 41 26.71 -10.40 -7.05
CA GLY D 41 26.88 -9.69 -8.31
C GLY D 41 25.58 -9.29 -8.97
N GLN D 42 24.58 -8.91 -8.17
CA GLN D 42 23.28 -8.51 -8.69
C GLN D 42 22.78 -7.31 -7.89
N SER D 43 21.58 -6.91 -8.18
CA SER D 43 20.77 -5.93 -7.49
C SER D 43 19.70 -6.63 -6.67
N PRO D 44 19.12 -6.01 -5.64
CA PRO D 44 18.09 -6.68 -4.84
C PRO D 44 16.80 -6.90 -5.63
N LYS D 45 16.01 -7.88 -5.16
CA LYS D 45 14.75 -8.25 -5.77
C LYS D 45 13.68 -8.39 -4.70
N LEU D 46 12.48 -7.94 -5.00
CA LEU D 46 11.38 -7.97 -4.04
C LEU D 46 10.70 -9.34 -4.08
N LEU D 47 10.48 -9.91 -2.90
CA LEU D 47 9.89 -11.24 -2.74
C LEU D 47 8.54 -11.20 -2.06
N ILE D 48 8.47 -10.64 -0.86
CA ILE D 48 7.25 -10.60 -0.06
C ILE D 48 6.94 -9.13 0.14
N SER D 49 5.74 -8.69 -0.24
CA SER D 49 5.44 -7.26 -0.16
C SER D 49 4.97 -6.87 1.23
N SER D 50 3.83 -7.40 1.66
CA SER D 50 3.35 -7.21 3.02
C SER D 50 4.00 -8.27 3.90
N ALA D 51 3.47 -8.45 5.12
CA ALA D 51 4.11 -9.37 6.05
C ALA D 51 3.94 -10.82 5.60
N SER D 52 2.98 -11.10 4.72
CA SER D 52 2.74 -12.45 4.23
C SER D 52 2.52 -12.55 2.73
N TYR D 53 2.26 -11.44 2.04
CA TYR D 53 1.77 -11.48 0.66
C TYR D 53 2.93 -11.71 -0.30
N ARG D 54 2.93 -12.85 -0.98
CA ARG D 54 3.96 -13.13 -1.95
C ARG D 54 3.73 -12.33 -3.23
N TYR D 55 4.77 -12.31 -4.07
CA TYR D 55 4.77 -11.60 -5.33
C TYR D 55 4.52 -12.65 -6.40
N THR D 56 4.32 -12.21 -7.64
CA THR D 56 3.87 -13.08 -8.76
C THR D 56 4.99 -14.03 -9.14
N GLY D 57 6.15 -13.56 -9.58
CA GLY D 57 7.17 -14.45 -10.11
C GLY D 57 8.13 -15.00 -9.08
N VAL D 58 7.60 -15.51 -7.98
CA VAL D 58 8.38 -16.01 -6.86
C VAL D 58 8.05 -17.49 -6.68
N PRO D 59 9.03 -18.37 -6.49
CA PRO D 59 8.74 -19.79 -6.27
C PRO D 59 7.96 -20.04 -4.99
N ASP D 60 7.37 -21.23 -4.91
CA ASP D 60 6.41 -21.55 -3.86
C ASP D 60 7.08 -21.83 -2.53
N ARG D 61 8.39 -22.05 -2.52
CA ARG D 61 9.07 -22.45 -1.30
C ARG D 61 9.39 -21.27 -0.38
N PHE D 62 9.12 -20.05 -0.81
CA PHE D 62 9.31 -18.87 0.03
C PHE D 62 7.99 -18.45 0.67
N SER D 63 8.08 -17.96 1.90
CA SER D 63 6.89 -17.53 2.64
C SER D 63 7.33 -16.59 3.74
N GLY D 64 6.34 -15.93 4.34
CA GLY D 64 6.60 -15.00 5.43
C GLY D 64 5.37 -14.85 6.29
N SER D 65 5.58 -14.32 7.50
CA SER D 65 4.50 -14.15 8.47
C SER D 65 4.94 -13.12 9.49
N GLY D 66 4.07 -12.90 10.48
CA GLY D 66 4.41 -12.01 11.57
C GLY D 66 3.49 -10.83 11.70
N SER D 67 3.39 -10.28 12.90
CA SER D 67 2.61 -9.07 13.14
C SER D 67 3.17 -8.39 14.39
N GLY D 68 2.83 -7.12 14.56
CA GLY D 68 3.31 -6.39 15.73
C GLY D 68 4.75 -5.94 15.56
N THR D 69 5.68 -6.59 16.25
CA THR D 69 7.09 -6.23 16.18
C THR D 69 7.97 -7.39 15.71
N ASP D 70 7.52 -8.63 15.84
CA ASP D 70 8.31 -9.78 15.44
C ASP D 70 7.84 -10.31 14.09
N PHE D 71 8.81 -10.67 13.24
CA PHE D 71 8.52 -11.07 11.87
C PHE D 71 9.48 -12.19 11.47
N THR D 72 9.03 -13.06 10.56
CA THR D 72 9.86 -14.17 10.10
C THR D 72 9.81 -14.30 8.59
N PHE D 73 10.79 -15.01 8.05
CA PHE D 73 10.90 -15.37 6.64
C PHE D 73 11.40 -16.81 6.56
N THR D 74 10.63 -17.68 5.92
CA THR D 74 10.93 -19.10 5.92
C THR D 74 11.18 -19.61 4.51
N ILE D 75 12.00 -20.65 4.40
CA ILE D 75 12.14 -21.44 3.19
C ILE D 75 11.88 -22.89 3.54
N SER D 76 10.96 -23.53 2.82
CA SER D 76 10.55 -24.90 3.11
C SER D 76 11.64 -25.92 2.77
N SER D 77 12.22 -25.82 1.59
CA SER D 77 13.36 -26.63 1.22
C SER D 77 14.34 -25.78 0.43
N VAL D 78 15.60 -25.91 0.76
CA VAL D 78 16.66 -25.09 0.18
C VAL D 78 17.03 -25.69 -1.17
N GLN D 79 17.70 -24.91 -2.01
CA GLN D 79 18.42 -25.42 -3.16
C GLN D 79 19.82 -24.83 -3.13
N ALA D 80 20.60 -25.12 -4.17
CA ALA D 80 21.93 -24.55 -4.25
C ALA D 80 21.91 -23.10 -4.69
N GLU D 81 20.80 -22.65 -5.27
CA GLU D 81 20.69 -21.27 -5.75
C GLU D 81 20.21 -20.31 -4.67
N ASP D 82 19.98 -20.79 -3.45
CA ASP D 82 19.41 -19.94 -2.43
C ASP D 82 20.47 -19.19 -1.63
N LEU D 83 21.75 -19.36 -2.00
CA LEU D 83 22.83 -18.66 -1.32
C LEU D 83 22.84 -17.20 -1.74
N ALA D 84 22.37 -16.34 -0.85
CA ALA D 84 22.28 -14.89 -1.07
C ALA D 84 22.19 -14.22 0.28
N VAL D 85 21.85 -12.93 0.27
CA VAL D 85 21.69 -12.15 1.47
C VAL D 85 20.27 -11.59 1.47
N TYR D 86 19.66 -11.47 2.65
CA TYR D 86 18.25 -11.14 2.77
C TYR D 86 18.07 -9.92 3.66
N TYR D 87 17.09 -9.09 3.35
CA TYR D 87 16.85 -7.83 4.03
C TYR D 87 15.38 -7.71 4.42
N CYS D 88 15.11 -7.04 5.52
CA CYS D 88 13.73 -6.72 5.90
C CYS D 88 13.57 -5.21 5.94
N GLN D 89 12.61 -4.70 5.19
CA GLN D 89 12.28 -3.28 5.12
C GLN D 89 10.98 -3.02 5.87
N GLN D 90 10.84 -1.81 6.38
CA GLN D 90 9.61 -1.30 6.94
C GLN D 90 9.05 -0.20 6.04
N HIS D 91 7.76 -0.30 5.67
CA HIS D 91 7.12 0.68 4.79
C HIS D 91 5.87 1.24 5.48
N TYR D 92 6.07 1.72 6.71
CA TYR D 92 4.99 2.24 7.53
C TYR D 92 5.08 3.75 7.79
N SER D 93 6.26 4.35 7.73
CA SER D 93 6.46 5.75 8.09
C SER D 93 7.27 6.42 6.99
N THR D 94 7.73 7.65 7.27
CA THR D 94 8.17 8.51 6.17
C THR D 94 9.56 8.17 5.63
N PRO D 95 10.62 7.97 6.44
CA PRO D 95 11.83 7.38 5.84
C PRO D 95 11.76 5.87 5.86
N PRO D 96 11.85 5.23 4.70
CA PRO D 96 11.92 3.77 4.69
C PRO D 96 13.27 3.29 5.18
N THR D 97 13.25 2.29 6.05
CA THR D 97 14.44 1.84 6.77
C THR D 97 14.65 0.36 6.50
N PHE D 98 15.87 -0.02 6.18
CA PHE D 98 16.25 -1.40 5.92
C PHE D 98 16.87 -2.02 7.17
N GLY D 99 17.04 -3.34 7.12
CA GLY D 99 17.67 -4.07 8.19
C GLY D 99 19.18 -4.11 8.02
N ALA D 100 19.79 -5.11 8.66
CA ALA D 100 21.23 -5.27 8.56
C ALA D 100 21.62 -6.17 7.38
N GLY D 101 21.03 -7.35 7.30
CA GLY D 101 21.38 -8.30 6.27
C GLY D 101 21.90 -9.59 6.88
N THR D 102 21.34 -10.73 6.47
CA THR D 102 21.75 -12.04 6.96
C THR D 102 22.15 -12.93 5.80
N LYS D 103 23.43 -13.29 5.74
CA LYS D 103 23.94 -14.19 4.71
C LYS D 103 23.55 -15.61 5.03
N LEU D 104 23.20 -16.36 4.00
CA LEU D 104 22.88 -17.77 4.16
C LEU D 104 24.02 -18.62 3.63
N GLU D 105 24.59 -19.44 4.50
CA GLU D 105 25.71 -20.29 4.14
C GLU D 105 25.21 -21.72 4.04
N LEU D 106 25.43 -22.34 2.89
CA LEU D 106 24.99 -23.70 2.62
C LEU D 106 26.10 -24.65 3.03
N LYS D 107 25.78 -25.62 3.88
CA LYS D 107 26.80 -26.52 4.41
C LYS D 107 26.98 -27.77 3.56
#